data_1VB5
#
_entry.id   1VB5
#
_cell.length_a   158.437
_cell.length_b   158.437
_cell.length_c   151.486
_cell.angle_alpha   90.00
_cell.angle_beta   90.00
_cell.angle_gamma   120.00
#
_symmetry.space_group_name_H-M   'P 63 2 2'
#
loop_
_entity.id
_entity.type
_entity.pdbx_description
1 polymer 'translation initiation factor eIF-2B'
2 water water
#
_entity_poly.entity_id   1
_entity_poly.type   'polypeptide(L)'
_entity_poly.pdbx_seq_one_letter_code
;MLPERVLEILREMKRERIKGASWLAKKGAEAFLTLAEELDESLLEDAIMELREEVVKVNPSMASLYNLARFIPVTNRRDI
LKSRALEFLRRMEEAKRELASIGAQLIDDGDVIITHSFSSTVLEIIRTAKERKKRFKVILTESSPDYEGLHLARELEFSG
IEFEVITDAQMGLFCREASIAIVGADMITKDGYVVNKAGTYLLALACHENAIPFYVAAETYKFHPTLKSGDVMLMERDLI
RGNVRIRNVLFDVTPWKYVRGIITELGIVIPPRDIQ
;
_entity_poly.pdbx_strand_id   A,B
#
# COMPACT_ATOMS: atom_id res chain seq x y z
N LEU A 2 -20.74 -23.64 -24.91
CA LEU A 2 -21.69 -22.81 -24.12
C LEU A 2 -22.40 -21.77 -24.99
N PRO A 3 -23.71 -21.57 -24.76
CA PRO A 3 -24.52 -20.61 -25.50
C PRO A 3 -23.97 -19.19 -25.44
N GLU A 4 -24.22 -18.43 -26.50
CA GLU A 4 -23.77 -17.05 -26.59
C GLU A 4 -24.10 -16.21 -25.35
N ARG A 5 -25.35 -16.29 -24.90
CA ARG A 5 -25.77 -15.52 -23.74
C ARG A 5 -25.03 -15.91 -22.48
N VAL A 6 -24.63 -17.16 -22.37
CA VAL A 6 -23.89 -17.59 -21.18
C VAL A 6 -22.49 -16.96 -21.25
N LEU A 7 -21.89 -17.00 -22.43
CA LEU A 7 -20.56 -16.43 -22.64
C LEU A 7 -20.55 -14.91 -22.37
N GLU A 8 -21.64 -14.23 -22.71
CA GLU A 8 -21.72 -12.79 -22.46
C GLU A 8 -21.61 -12.52 -20.95
N ILE A 9 -22.39 -13.26 -20.17
CA ILE A 9 -22.39 -13.11 -18.73
C ILE A 9 -21.01 -13.40 -18.16
N LEU A 10 -20.34 -14.43 -18.67
CA LEU A 10 -19.00 -14.75 -18.20
C LEU A 10 -18.04 -13.60 -18.51
N ARG A 11 -18.17 -12.99 -19.68
CA ARG A 11 -17.31 -11.87 -20.05
C ARG A 11 -17.64 -10.67 -19.15
N GLU A 12 -18.92 -10.48 -18.83
CA GLU A 12 -19.29 -9.37 -17.96
C GLU A 12 -18.65 -9.58 -16.59
N MET A 13 -18.59 -10.82 -16.14
CA MET A 13 -17.98 -11.14 -14.86
C MET A 13 -16.48 -10.86 -14.87
N LYS A 14 -15.78 -11.39 -15.85
CA LYS A 14 -14.32 -11.22 -15.98
C LYS A 14 -13.95 -9.75 -16.11
N ARG A 15 -14.88 -8.97 -16.63
CA ARG A 15 -14.70 -7.55 -16.87
C ARG A 15 -14.85 -6.67 -15.63
N GLU A 16 -15.56 -7.17 -14.62
CA GLU A 16 -15.80 -6.39 -13.40
C GLU A 16 -14.56 -6.04 -12.58
N ARG A 17 -14.44 -4.75 -12.22
CA ARG A 17 -13.29 -4.29 -11.44
C ARG A 17 -13.69 -3.75 -10.06
N ILE A 18 -14.92 -3.27 -9.92
CA ILE A 18 -15.38 -2.71 -8.66
C ILE A 18 -16.16 -3.68 -7.77
N LYS A 19 -17.40 -3.98 -8.16
CA LYS A 19 -18.25 -4.88 -7.40
C LYS A 19 -17.49 -6.13 -6.97
N GLY A 20 -17.77 -6.59 -5.76
CA GLY A 20 -17.07 -7.75 -5.22
C GLY A 20 -17.68 -9.12 -5.40
N ALA A 21 -17.24 -10.03 -4.53
CA ALA A 21 -17.70 -11.41 -4.54
C ALA A 21 -19.22 -11.56 -4.61
N SER A 22 -19.92 -10.73 -3.85
CA SER A 22 -21.38 -10.78 -3.83
C SER A 22 -21.97 -10.66 -5.23
N TRP A 23 -21.68 -9.55 -5.90
CA TRP A 23 -22.17 -9.30 -7.25
C TRP A 23 -21.71 -10.41 -8.21
N LEU A 24 -20.47 -10.84 -8.07
CA LEU A 24 -19.93 -11.88 -8.94
C LEU A 24 -20.66 -13.20 -8.79
N ALA A 25 -20.95 -13.58 -7.56
CA ALA A 25 -21.67 -14.83 -7.30
C ALA A 25 -23.06 -14.76 -7.93
N LYS A 26 -23.71 -13.61 -7.80
CA LYS A 26 -25.04 -13.41 -8.37
C LYS A 26 -24.99 -13.61 -9.88
N LYS A 27 -23.97 -13.05 -10.53
CA LYS A 27 -23.81 -13.20 -11.96
C LYS A 27 -23.56 -14.66 -12.33
N GLY A 28 -22.79 -15.35 -11.50
CA GLY A 28 -22.52 -16.75 -11.76
C GLY A 28 -23.84 -17.51 -11.77
N ALA A 29 -24.70 -17.21 -10.81
CA ALA A 29 -26.00 -17.86 -10.73
C ALA A 29 -26.81 -17.58 -12.00
N GLU A 30 -26.80 -16.32 -12.43
CA GLU A 30 -27.51 -15.94 -13.64
C GLU A 30 -26.97 -16.66 -14.86
N ALA A 31 -25.69 -17.03 -14.81
CA ALA A 31 -25.08 -17.75 -15.92
C ALA A 31 -25.75 -19.12 -16.03
N PHE A 32 -25.96 -19.79 -14.90
CA PHE A 32 -26.61 -21.10 -14.92
C PHE A 32 -28.09 -20.97 -15.29
N LEU A 33 -28.72 -19.87 -14.88
CA LEU A 33 -30.12 -19.65 -15.19
C LEU A 33 -30.27 -19.50 -16.69
N THR A 34 -29.39 -18.71 -17.28
CA THR A 34 -29.38 -18.47 -18.71
C THR A 34 -29.11 -19.78 -19.47
N LEU A 35 -28.24 -20.62 -18.92
CA LEU A 35 -27.91 -21.90 -19.56
C LEU A 35 -29.15 -22.79 -19.65
N ALA A 36 -29.87 -22.90 -18.53
CA ALA A 36 -31.09 -23.70 -18.46
C ALA A 36 -32.16 -23.12 -19.37
N GLU A 37 -32.13 -21.81 -19.56
CA GLU A 37 -33.12 -21.16 -20.42
C GLU A 37 -32.78 -21.24 -21.90
N GLU A 38 -31.51 -21.47 -22.23
CA GLU A 38 -31.10 -21.52 -23.63
C GLU A 38 -30.82 -22.89 -24.25
N LEU A 39 -30.24 -23.81 -23.49
CA LEU A 39 -29.92 -25.14 -24.03
C LEU A 39 -31.03 -26.18 -24.03
N ASP A 40 -30.77 -27.26 -24.78
CA ASP A 40 -31.70 -28.38 -24.90
C ASP A 40 -31.39 -29.31 -23.72
N GLU A 41 -32.42 -29.79 -23.04
CA GLU A 41 -32.20 -30.67 -21.89
C GLU A 41 -31.30 -31.86 -22.22
N SER A 42 -31.09 -32.09 -23.51
CA SER A 42 -30.25 -33.19 -23.98
C SER A 42 -28.76 -32.88 -23.86
N LEU A 43 -28.41 -31.60 -23.85
CA LEU A 43 -27.01 -31.19 -23.77
C LEU A 43 -26.70 -30.55 -22.42
N LEU A 44 -27.73 -30.41 -21.60
CA LEU A 44 -27.60 -29.76 -20.31
C LEU A 44 -26.56 -30.32 -19.34
N GLU A 45 -26.54 -31.63 -19.13
CA GLU A 45 -25.59 -32.21 -18.19
C GLU A 45 -24.13 -31.86 -18.52
N ASP A 46 -23.73 -32.06 -19.77
CA ASP A 46 -22.36 -31.74 -20.16
C ASP A 46 -22.11 -30.24 -20.05
N ALA A 47 -23.11 -29.45 -20.46
CA ALA A 47 -22.99 -28.00 -20.41
C ALA A 47 -22.80 -27.50 -18.98
N ILE A 48 -23.48 -28.13 -18.04
CA ILE A 48 -23.37 -27.73 -16.63
C ILE A 48 -21.97 -27.97 -16.10
N MET A 49 -21.39 -29.12 -16.42
CA MET A 49 -20.03 -29.43 -15.97
C MET A 49 -19.09 -28.38 -16.56
N GLU A 50 -19.29 -28.04 -17.82
CA GLU A 50 -18.47 -27.04 -18.49
C GLU A 50 -18.63 -25.68 -17.81
N LEU A 51 -19.88 -25.27 -17.55
CA LEU A 51 -20.10 -23.98 -16.92
C LEU A 51 -19.54 -23.95 -15.50
N ARG A 52 -19.55 -25.09 -14.83
CA ARG A 52 -19.00 -25.17 -13.48
C ARG A 52 -17.53 -24.76 -13.54
N GLU A 53 -16.80 -25.36 -14.48
CA GLU A 53 -15.38 -25.07 -14.65
C GLU A 53 -15.13 -23.61 -15.00
N GLU A 54 -15.94 -23.08 -15.91
CA GLU A 54 -15.80 -21.69 -16.34
C GLU A 54 -16.09 -20.64 -15.27
N VAL A 55 -17.13 -20.85 -14.47
CA VAL A 55 -17.48 -19.90 -13.42
C VAL A 55 -16.38 -19.79 -12.37
N VAL A 56 -15.82 -20.92 -11.97
CA VAL A 56 -14.75 -20.91 -10.99
C VAL A 56 -13.51 -20.21 -11.55
N LYS A 57 -13.21 -20.44 -12.83
CA LYS A 57 -12.05 -19.83 -13.47
C LYS A 57 -12.14 -18.31 -13.56
N VAL A 58 -13.35 -17.76 -13.45
CA VAL A 58 -13.49 -16.30 -13.50
C VAL A 58 -12.64 -15.65 -12.40
N ASN A 59 -12.59 -16.31 -11.25
CA ASN A 59 -11.79 -15.82 -10.12
C ASN A 59 -11.62 -16.95 -9.11
N PRO A 60 -10.55 -17.73 -9.27
CA PRO A 60 -10.32 -18.85 -8.35
C PRO A 60 -10.05 -18.46 -6.90
N SER A 61 -9.91 -17.16 -6.64
CA SER A 61 -9.68 -16.69 -5.27
C SER A 61 -11.01 -16.53 -4.52
N MET A 62 -12.12 -16.63 -5.24
CA MET A 62 -13.44 -16.48 -4.62
C MET A 62 -14.14 -17.81 -4.34
N ALA A 63 -14.26 -18.13 -3.06
CA ALA A 63 -14.91 -19.36 -2.63
C ALA A 63 -16.39 -19.38 -3.04
N SER A 64 -17.03 -18.21 -3.10
CA SER A 64 -18.44 -18.14 -3.46
C SER A 64 -18.70 -18.79 -4.82
N LEU A 65 -17.78 -18.61 -5.76
CA LEU A 65 -17.95 -19.20 -7.08
C LEU A 65 -17.78 -20.72 -7.02
N TYR A 66 -16.86 -21.17 -6.18
CA TYR A 66 -16.61 -22.59 -6.01
C TYR A 66 -17.83 -23.24 -5.35
N ASN A 67 -18.38 -22.58 -4.34
CA ASN A 67 -19.55 -23.15 -3.65
C ASN A 67 -20.79 -23.10 -4.53
N LEU A 68 -20.90 -22.08 -5.37
CA LEU A 68 -22.04 -21.98 -6.27
C LEU A 68 -21.98 -23.18 -7.23
N ALA A 69 -20.83 -23.36 -7.87
CA ALA A 69 -20.64 -24.47 -8.82
C ALA A 69 -20.98 -25.82 -8.21
N ARG A 70 -20.55 -26.02 -6.96
CA ARG A 70 -20.78 -27.28 -6.25
C ARG A 70 -22.26 -27.44 -5.90
N PHE A 71 -22.94 -26.33 -5.66
CA PHE A 71 -24.35 -26.36 -5.30
C PHE A 71 -25.22 -26.73 -6.50
N ILE A 72 -24.77 -26.39 -7.70
CA ILE A 72 -25.53 -26.69 -8.92
C ILE A 72 -25.37 -28.16 -9.30
N PRO A 73 -26.49 -28.91 -9.37
CA PRO A 73 -26.41 -30.33 -9.72
C PRO A 73 -26.26 -30.57 -11.22
N VAL A 74 -25.67 -31.72 -11.56
CA VAL A 74 -25.51 -32.07 -12.97
C VAL A 74 -26.86 -32.72 -13.25
N THR A 75 -27.72 -31.99 -13.93
CA THR A 75 -29.06 -32.47 -14.21
C THR A 75 -29.46 -32.24 -15.64
N ASN A 76 -30.45 -33.01 -16.09
CA ASN A 76 -30.94 -32.87 -17.46
C ASN A 76 -32.25 -32.08 -17.43
N ARG A 77 -32.65 -31.64 -16.23
CA ARG A 77 -33.87 -30.89 -16.08
C ARG A 77 -33.61 -29.38 -15.86
N ARG A 78 -34.11 -28.56 -16.76
CA ARG A 78 -33.95 -27.10 -16.69
C ARG A 78 -34.55 -26.50 -15.42
N ASP A 79 -35.74 -26.96 -15.04
CA ASP A 79 -36.42 -26.43 -13.86
C ASP A 79 -35.66 -26.66 -12.56
N ILE A 80 -34.99 -27.79 -12.46
CA ILE A 80 -34.20 -28.11 -11.26
C ILE A 80 -32.93 -27.24 -11.26
N LEU A 81 -32.34 -27.06 -12.44
CA LEU A 81 -31.14 -26.25 -12.55
C LEU A 81 -31.45 -24.81 -12.12
N LYS A 82 -32.51 -24.23 -12.69
CA LYS A 82 -32.89 -22.86 -12.35
C LYS A 82 -33.23 -22.73 -10.88
N SER A 83 -33.97 -23.70 -10.36
CA SER A 83 -34.38 -23.70 -8.96
C SER A 83 -33.17 -23.69 -8.03
N ARG A 84 -32.16 -24.50 -8.34
CA ARG A 84 -30.96 -24.52 -7.49
C ARG A 84 -30.21 -23.19 -7.58
N ALA A 85 -30.12 -22.63 -8.78
CA ALA A 85 -29.43 -21.36 -8.95
C ALA A 85 -30.14 -20.26 -8.17
N LEU A 86 -31.46 -20.20 -8.27
CA LEU A 86 -32.23 -19.20 -7.56
C LEU A 86 -32.17 -19.42 -6.05
N GLU A 87 -32.15 -20.68 -5.63
CA GLU A 87 -32.06 -21.00 -4.20
C GLU A 87 -30.73 -20.48 -3.64
N PHE A 88 -29.65 -20.67 -4.38
CA PHE A 88 -28.35 -20.21 -3.93
C PHE A 88 -28.39 -18.69 -3.75
N LEU A 89 -29.03 -17.98 -4.69
CA LEU A 89 -29.14 -16.53 -4.59
C LEU A 89 -29.91 -16.12 -3.34
N ARG A 90 -31.07 -16.73 -3.13
CA ARG A 90 -31.86 -16.40 -1.95
C ARG A 90 -31.05 -16.62 -0.67
N ARG A 91 -30.28 -17.71 -0.63
CA ARG A 91 -29.47 -18.01 0.54
C ARG A 91 -28.39 -16.93 0.76
N MET A 92 -27.83 -16.42 -0.33
CA MET A 92 -26.80 -15.38 -0.26
C MET A 92 -27.40 -14.11 0.36
N GLU A 93 -28.56 -13.72 -0.14
CA GLU A 93 -29.26 -12.52 0.31
C GLU A 93 -29.60 -12.61 1.79
N GLU A 94 -30.12 -13.76 2.21
CA GLU A 94 -30.49 -13.95 3.60
C GLU A 94 -29.26 -13.93 4.49
N ALA A 95 -28.20 -14.62 4.05
CA ALA A 95 -26.97 -14.65 4.84
C ALA A 95 -26.43 -13.24 5.01
N LYS A 96 -26.42 -12.46 3.94
CA LYS A 96 -25.91 -11.10 4.02
C LYS A 96 -26.69 -10.21 5.00
N ARG A 97 -28.01 -10.18 4.92
CA ARG A 97 -28.75 -9.33 5.85
C ARG A 97 -28.60 -9.76 7.31
N GLU A 98 -28.51 -11.06 7.56
CA GLU A 98 -28.37 -11.52 8.94
C GLU A 98 -26.96 -11.20 9.45
N LEU A 99 -25.97 -11.25 8.56
CA LEU A 99 -24.60 -10.95 8.94
C LEU A 99 -24.50 -9.45 9.24
N ALA A 100 -25.11 -8.64 8.39
CA ALA A 100 -25.08 -7.20 8.59
C ALA A 100 -25.65 -6.81 9.96
N SER A 101 -26.65 -7.55 10.41
CA SER A 101 -27.28 -7.28 11.70
C SER A 101 -26.29 -7.60 12.82
N ILE A 102 -25.64 -8.75 12.72
CA ILE A 102 -24.67 -9.16 13.71
C ILE A 102 -23.48 -8.20 13.69
N GLY A 103 -23.11 -7.73 12.49
CA GLY A 103 -21.99 -6.80 12.38
C GLY A 103 -22.31 -5.43 12.99
N ALA A 104 -23.51 -4.92 12.70
CA ALA A 104 -23.92 -3.64 13.22
C ALA A 104 -23.94 -3.65 14.75
N GLN A 105 -24.21 -4.83 15.33
CA GLN A 105 -24.26 -4.98 16.78
C GLN A 105 -22.86 -4.89 17.39
N LEU A 106 -21.86 -5.37 16.66
CA LEU A 106 -20.47 -5.34 17.13
C LEU A 106 -19.96 -3.90 17.20
N ILE A 107 -20.42 -3.06 16.27
CA ILE A 107 -19.99 -1.66 16.24
C ILE A 107 -20.49 -0.88 17.46
N ASP A 108 -19.59 -0.09 18.04
CA ASP A 108 -19.92 0.72 19.22
C ASP A 108 -20.03 2.20 18.82
N ASP A 109 -20.83 2.94 19.57
CA ASP A 109 -21.00 4.35 19.33
C ASP A 109 -19.65 5.01 19.60
N GLY A 110 -19.19 5.87 18.69
CA GLY A 110 -17.90 6.52 18.87
C GLY A 110 -16.77 5.82 18.15
N ASP A 111 -17.08 4.68 17.51
CA ASP A 111 -16.06 3.92 16.79
C ASP A 111 -15.50 4.67 15.57
N VAL A 112 -14.27 4.33 15.22
CA VAL A 112 -13.62 4.86 14.04
C VAL A 112 -13.24 3.56 13.34
N ILE A 113 -13.96 3.23 12.28
CA ILE A 113 -13.74 1.99 11.55
C ILE A 113 -12.85 2.11 10.33
N ILE A 114 -11.75 1.36 10.31
CA ILE A 114 -10.86 1.38 9.16
C ILE A 114 -11.12 0.11 8.35
N THR A 115 -11.24 0.27 7.03
CA THR A 115 -11.48 -0.86 6.16
C THR A 115 -10.64 -0.71 4.90
N HIS A 116 -10.75 -1.68 4.00
CA HIS A 116 -9.96 -1.70 2.77
C HIS A 116 -10.75 -2.32 1.64
N SER A 117 -10.52 -1.83 0.41
CA SER A 117 -11.20 -2.33 -0.77
C SER A 117 -12.72 -2.11 -0.65
N PHE A 118 -13.50 -2.81 -1.47
CA PHE A 118 -14.95 -2.68 -1.43
C PHE A 118 -15.67 -3.99 -1.17
N SER A 119 -16.48 -4.02 -0.11
CA SER A 119 -17.24 -5.21 0.25
C SER A 119 -18.69 -4.83 0.48
N SER A 120 -19.57 -5.43 -0.31
CA SER A 120 -21.00 -5.18 -0.22
C SER A 120 -21.48 -5.50 1.20
N THR A 121 -20.93 -6.57 1.76
CA THR A 121 -21.28 -7.00 3.11
C THR A 121 -20.83 -5.97 4.14
N VAL A 122 -19.60 -5.50 4.03
CA VAL A 122 -19.12 -4.50 4.97
C VAL A 122 -19.95 -3.22 4.87
N LEU A 123 -20.30 -2.83 3.65
CA LEU A 123 -21.12 -1.63 3.46
C LEU A 123 -22.47 -1.78 4.15
N GLU A 124 -23.07 -2.96 4.06
CA GLU A 124 -24.35 -3.19 4.71
C GLU A 124 -24.23 -3.20 6.23
N ILE A 125 -23.12 -3.70 6.74
CA ILE A 125 -22.90 -3.72 8.18
C ILE A 125 -22.91 -2.25 8.66
N ILE A 126 -22.19 -1.42 7.93
CA ILE A 126 -22.08 0.00 8.26
C ILE A 126 -23.41 0.74 8.13
N ARG A 127 -24.16 0.45 7.07
CA ARG A 127 -25.44 1.10 6.86
C ARG A 127 -26.46 0.66 7.91
N THR A 128 -26.36 -0.58 8.35
CA THR A 128 -27.27 -1.07 9.37
C THR A 128 -26.96 -0.41 10.70
N ALA A 129 -25.67 -0.22 10.99
CA ALA A 129 -25.26 0.41 12.24
C ALA A 129 -25.79 1.85 12.26
N LYS A 130 -25.70 2.55 11.13
CA LYS A 130 -26.20 3.91 11.06
C LYS A 130 -27.71 3.92 11.27
N GLU A 131 -28.41 2.98 10.63
CA GLU A 131 -29.85 2.89 10.76
C GLU A 131 -30.26 2.71 12.22
N ARG A 132 -29.39 2.07 12.99
CA ARG A 132 -29.64 1.83 14.42
C ARG A 132 -29.15 3.00 15.26
N LYS A 133 -28.90 4.12 14.59
CA LYS A 133 -28.47 5.36 15.22
C LYS A 133 -27.14 5.37 15.97
N LYS A 134 -26.21 4.51 15.57
CA LYS A 134 -24.90 4.50 16.22
C LYS A 134 -24.04 5.55 15.52
N ARG A 135 -23.27 6.31 16.29
CA ARG A 135 -22.41 7.34 15.71
C ARG A 135 -21.01 6.78 15.50
N PHE A 136 -20.43 7.05 14.33
CA PHE A 136 -19.09 6.56 14.03
C PHE A 136 -18.56 7.17 12.74
N LYS A 137 -17.28 6.93 12.49
CA LYS A 137 -16.60 7.44 11.31
C LYS A 137 -15.86 6.28 10.65
N VAL A 138 -15.68 6.37 9.34
CA VAL A 138 -15.01 5.33 8.59
C VAL A 138 -13.74 5.85 7.91
N ILE A 139 -12.70 5.04 7.94
CA ILE A 139 -11.44 5.36 7.25
C ILE A 139 -11.32 4.25 6.24
N LEU A 140 -11.23 4.60 4.96
CA LEU A 140 -11.14 3.61 3.89
C LEU A 140 -10.02 3.97 2.92
N THR A 141 -9.55 2.97 2.17
CA THR A 141 -8.49 3.17 1.20
C THR A 141 -9.06 3.29 -0.20
N GLU A 142 -8.35 3.99 -1.09
CA GLU A 142 -8.83 4.14 -2.46
C GLU A 142 -8.74 2.79 -3.16
N SER A 143 -7.81 1.96 -2.71
CA SER A 143 -7.62 0.61 -3.22
C SER A 143 -7.17 0.47 -4.68
N SER A 144 -5.86 0.60 -4.91
CA SER A 144 -5.29 0.46 -6.26
C SER A 144 -5.39 -0.99 -6.73
N PRO A 145 -5.39 -1.21 -8.06
CA PRO A 145 -5.27 -0.21 -9.11
C PRO A 145 -6.61 0.26 -9.69
N ASP A 146 -7.70 -0.43 -9.36
CA ASP A 146 -9.02 -0.09 -9.90
C ASP A 146 -9.82 0.89 -9.06
N TYR A 147 -9.34 1.15 -7.84
CA TYR A 147 -9.99 2.10 -6.95
C TYR A 147 -11.42 1.78 -6.52
N GLU A 148 -11.70 0.50 -6.29
CA GLU A 148 -13.03 0.10 -5.86
C GLU A 148 -13.36 0.81 -4.54
N GLY A 149 -12.33 1.27 -3.84
CA GLY A 149 -12.54 1.97 -2.59
C GLY A 149 -13.30 3.27 -2.77
N LEU A 150 -13.08 3.94 -3.91
CA LEU A 150 -13.77 5.19 -4.17
C LEU A 150 -15.26 4.93 -4.37
N HIS A 151 -15.60 3.72 -4.78
CA HIS A 151 -17.00 3.34 -4.97
C HIS A 151 -17.64 3.30 -3.59
N LEU A 152 -16.91 2.72 -2.63
CA LEU A 152 -17.40 2.64 -1.26
C LEU A 152 -17.62 4.07 -0.75
N ALA A 153 -16.66 4.94 -1.02
CA ALA A 153 -16.77 6.34 -0.59
C ALA A 153 -18.04 7.01 -1.10
N ARG A 154 -18.37 6.78 -2.36
CA ARG A 154 -19.56 7.39 -2.94
C ARG A 154 -20.84 6.82 -2.33
N GLU A 155 -20.78 5.55 -1.91
CA GLU A 155 -21.93 4.92 -1.28
C GLU A 155 -22.11 5.47 0.14
N LEU A 156 -21.02 5.64 0.86
CA LEU A 156 -21.09 6.16 2.22
C LEU A 156 -21.57 7.60 2.18
N GLU A 157 -21.12 8.32 1.16
CA GLU A 157 -21.50 9.71 0.96
C GLU A 157 -23.02 9.78 0.73
N PHE A 158 -23.52 8.90 -0.12
CA PHE A 158 -24.94 8.85 -0.42
C PHE A 158 -25.74 8.61 0.85
N SER A 159 -25.21 7.77 1.74
CA SER A 159 -25.86 7.43 2.99
C SER A 159 -25.63 8.45 4.10
N GLY A 160 -24.88 9.50 3.82
CA GLY A 160 -24.61 10.52 4.82
C GLY A 160 -23.75 10.05 5.98
N ILE A 161 -22.79 9.17 5.69
CA ILE A 161 -21.89 8.65 6.70
C ILE A 161 -20.55 9.37 6.63
N GLU A 162 -20.01 9.76 7.79
CA GLU A 162 -18.73 10.46 7.84
C GLU A 162 -17.59 9.51 7.52
N PHE A 163 -16.76 9.91 6.56
CA PHE A 163 -15.63 9.07 6.17
C PHE A 163 -14.42 9.88 5.71
N GLU A 164 -13.29 9.20 5.67
CA GLU A 164 -12.03 9.79 5.24
C GLU A 164 -11.35 8.74 4.35
N VAL A 165 -10.88 9.17 3.18
CA VAL A 165 -10.22 8.27 2.24
C VAL A 165 -8.71 8.46 2.31
N ILE A 166 -7.97 7.35 2.20
CA ILE A 166 -6.51 7.39 2.23
C ILE A 166 -5.94 6.50 1.13
N THR A 167 -4.64 6.58 0.89
CA THR A 167 -4.01 5.72 -0.11
C THR A 167 -3.68 4.43 0.62
N ASP A 168 -3.53 3.35 -0.13
CA ASP A 168 -3.22 2.06 0.46
C ASP A 168 -1.96 2.10 1.34
N ALA A 169 -0.94 2.79 0.86
CA ALA A 169 0.33 2.89 1.57
C ALA A 169 0.22 3.56 2.93
N GLN A 170 -0.87 4.29 3.16
CA GLN A 170 -1.07 4.99 4.44
C GLN A 170 -1.83 4.21 5.52
N MET A 171 -2.06 2.92 5.31
CA MET A 171 -2.81 2.13 6.29
C MET A 171 -2.13 2.03 7.66
N GLY A 172 -0.81 1.96 7.67
CA GLY A 172 -0.09 1.87 8.92
C GLY A 172 -0.27 3.14 9.74
N LEU A 173 -0.17 4.28 9.07
CA LEU A 173 -0.34 5.58 9.71
C LEU A 173 -1.74 5.74 10.27
N PHE A 174 -2.72 5.12 9.62
CA PHE A 174 -4.09 5.25 10.12
C PHE A 174 -4.72 4.15 10.97
N CYS A 175 -4.19 2.92 10.99
CA CYS A 175 -4.83 1.88 11.85
C CYS A 175 -4.88 2.53 13.24
N ARG A 176 -3.81 3.26 13.59
CA ARG A 176 -3.67 3.93 14.87
C ARG A 176 -4.84 4.81 15.30
N GLU A 177 -5.42 5.55 14.35
CA GLU A 177 -6.54 6.44 14.64
C GLU A 177 -7.87 5.68 14.72
N ALA A 178 -7.85 4.42 14.30
CA ALA A 178 -9.05 3.60 14.30
C ALA A 178 -9.22 2.87 15.62
N SER A 179 -10.47 2.51 15.93
CA SER A 179 -10.74 1.76 17.15
C SER A 179 -11.05 0.32 16.78
N ILE A 180 -11.31 0.10 15.49
CA ILE A 180 -11.62 -1.25 15.02
C ILE A 180 -11.47 -1.37 13.52
N ALA A 181 -11.11 -2.55 13.07
CA ALA A 181 -10.94 -2.80 11.64
C ALA A 181 -11.94 -3.86 11.19
N ILE A 182 -12.66 -3.59 10.10
CA ILE A 182 -13.61 -4.53 9.54
C ILE A 182 -13.41 -4.59 8.03
N VAL A 183 -12.99 -5.76 7.55
CA VAL A 183 -12.77 -5.98 6.12
C VAL A 183 -13.65 -7.14 5.69
N GLY A 184 -13.76 -7.33 4.38
CA GLY A 184 -14.56 -8.44 3.85
C GLY A 184 -13.67 -9.63 3.57
N ALA A 185 -14.16 -10.54 2.74
CA ALA A 185 -13.36 -11.72 2.40
C ALA A 185 -13.83 -12.33 1.10
N ASP A 186 -12.87 -12.87 0.35
CA ASP A 186 -13.17 -13.54 -0.90
C ASP A 186 -13.20 -15.03 -0.63
N MET A 187 -12.48 -15.44 0.41
CA MET A 187 -12.45 -16.84 0.80
C MET A 187 -11.89 -17.04 2.20
N ILE A 188 -12.46 -17.99 2.91
CA ILE A 188 -11.96 -18.36 4.24
C ILE A 188 -11.49 -19.78 3.95
N THR A 189 -10.19 -20.03 4.10
CA THR A 189 -9.66 -21.36 3.84
C THR A 189 -10.04 -22.38 4.91
N LYS A 190 -9.84 -23.67 4.60
CA LYS A 190 -10.18 -24.73 5.54
C LYS A 190 -9.42 -24.55 6.85
N ASP A 191 -8.19 -24.06 6.77
CA ASP A 191 -7.39 -23.86 7.97
C ASP A 191 -7.57 -22.49 8.62
N GLY A 192 -8.62 -21.78 8.23
CA GLY A 192 -8.91 -20.48 8.83
C GLY A 192 -8.21 -19.21 8.37
N TYR A 193 -7.48 -19.26 7.25
CA TYR A 193 -6.81 -18.06 6.74
C TYR A 193 -7.80 -17.26 5.91
N VAL A 194 -7.53 -15.96 5.77
CA VAL A 194 -8.41 -15.07 5.03
C VAL A 194 -7.83 -14.60 3.68
N VAL A 195 -8.53 -14.91 2.60
CA VAL A 195 -8.10 -14.48 1.27
C VAL A 195 -8.94 -13.23 1.01
N ASN A 196 -8.29 -12.14 0.66
CA ASN A 196 -9.00 -10.90 0.40
C ASN A 196 -8.13 -9.99 -0.47
N LYS A 197 -8.65 -8.84 -0.86
CA LYS A 197 -7.92 -7.89 -1.69
C LYS A 197 -6.47 -7.69 -1.23
N ALA A 198 -5.56 -7.62 -2.19
CA ALA A 198 -4.14 -7.41 -1.89
C ALA A 198 -4.01 -6.21 -0.96
N GLY A 199 -3.17 -6.34 0.05
CA GLY A 199 -2.97 -5.26 1.00
C GLY A 199 -3.68 -5.48 2.33
N THR A 200 -4.66 -6.37 2.37
CA THR A 200 -5.41 -6.65 3.60
C THR A 200 -4.45 -7.18 4.66
N TYR A 201 -3.48 -7.96 4.22
CA TYR A 201 -2.47 -8.54 5.10
C TYR A 201 -1.68 -7.43 5.80
N LEU A 202 -1.33 -6.39 5.06
CA LEU A 202 -0.57 -5.27 5.59
C LEU A 202 -1.37 -4.52 6.66
N LEU A 203 -2.65 -4.30 6.39
CA LEU A 203 -3.50 -3.63 7.37
C LEU A 203 -3.56 -4.48 8.63
N ALA A 204 -3.67 -5.79 8.45
CA ALA A 204 -3.73 -6.71 9.58
C ALA A 204 -2.47 -6.60 10.43
N LEU A 205 -1.30 -6.52 9.79
CA LEU A 205 -0.05 -6.42 10.53
C LEU A 205 0.01 -5.13 11.33
N ALA A 206 -0.35 -4.03 10.68
CA ALA A 206 -0.32 -2.72 11.31
C ALA A 206 -1.27 -2.65 12.49
N CYS A 207 -2.48 -3.14 12.28
CA CYS A 207 -3.47 -3.12 13.34
C CYS A 207 -3.07 -3.99 14.55
N HIS A 208 -2.35 -5.08 14.30
CA HIS A 208 -1.88 -5.94 15.40
C HIS A 208 -0.84 -5.19 16.25
N GLU A 209 0.15 -4.61 15.58
CA GLU A 209 1.21 -3.87 16.29
C GLU A 209 0.66 -2.72 17.11
N ASN A 210 -0.45 -2.13 16.66
CA ASN A 210 -1.05 -1.02 17.36
C ASN A 210 -2.26 -1.42 18.20
N ALA A 211 -2.46 -2.72 18.38
CA ALA A 211 -3.57 -3.23 19.18
C ALA A 211 -4.97 -2.76 18.76
N ILE A 212 -5.30 -2.92 17.50
CA ILE A 212 -6.61 -2.53 17.00
C ILE A 212 -7.30 -3.83 16.59
N PRO A 213 -8.41 -4.19 17.26
CA PRO A 213 -9.10 -5.42 16.91
C PRO A 213 -9.44 -5.47 15.41
N PHE A 214 -9.06 -6.57 14.77
CA PHE A 214 -9.24 -6.78 13.34
C PHE A 214 -10.30 -7.84 13.08
N TYR A 215 -11.44 -7.43 12.55
CA TYR A 215 -12.53 -8.37 12.23
C TYR A 215 -12.73 -8.55 10.73
N VAL A 216 -13.14 -9.76 10.36
CA VAL A 216 -13.40 -10.10 8.96
C VAL A 216 -14.87 -10.50 8.80
N ALA A 217 -15.55 -9.90 7.81
CA ALA A 217 -16.94 -10.22 7.55
C ALA A 217 -17.05 -11.22 6.40
N ALA A 218 -17.62 -12.39 6.67
CA ALA A 218 -17.72 -13.41 5.63
C ALA A 218 -18.88 -14.37 5.82
N GLU A 219 -19.80 -14.41 4.86
CA GLU A 219 -20.92 -15.34 4.92
C GLU A 219 -20.33 -16.75 4.78
N THR A 220 -21.03 -17.76 5.28
CA THR A 220 -20.47 -19.12 5.18
C THR A 220 -20.31 -19.60 3.75
N TYR A 221 -20.99 -18.98 2.79
CA TYR A 221 -20.83 -19.43 1.41
C TYR A 221 -19.47 -18.96 0.85
N LYS A 222 -18.73 -18.20 1.66
CA LYS A 222 -17.39 -17.73 1.28
C LYS A 222 -16.32 -18.60 1.92
N PHE A 223 -16.76 -19.66 2.62
CA PHE A 223 -15.84 -20.59 3.27
C PHE A 223 -15.56 -21.75 2.33
N HIS A 224 -14.28 -22.01 2.04
CA HIS A 224 -13.96 -23.12 1.16
C HIS A 224 -13.89 -24.37 2.04
N PRO A 225 -14.65 -25.42 1.66
CA PRO A 225 -14.68 -26.67 2.44
C PRO A 225 -13.42 -27.51 2.45
N THR A 226 -12.52 -27.33 1.48
CA THR A 226 -11.34 -28.18 1.46
C THR A 226 -9.97 -27.54 1.20
N LEU A 227 -9.96 -26.37 0.57
CA LEU A 227 -8.71 -25.70 0.24
C LEU A 227 -8.00 -25.10 1.45
N LYS A 228 -6.72 -25.43 1.61
CA LYS A 228 -5.93 -24.89 2.71
C LYS A 228 -5.12 -23.70 2.18
N SER A 229 -4.76 -22.80 3.08
CA SER A 229 -4.02 -21.59 2.75
C SER A 229 -2.88 -21.80 1.74
N GLY A 230 -2.10 -22.85 1.94
CA GLY A 230 -0.97 -23.10 1.05
C GLY A 230 -1.29 -23.37 -0.41
N ASP A 231 -2.50 -23.82 -0.71
CA ASP A 231 -2.86 -24.13 -2.09
C ASP A 231 -3.79 -23.11 -2.76
N VAL A 232 -4.00 -21.98 -2.11
CA VAL A 232 -4.86 -20.95 -2.67
C VAL A 232 -4.26 -20.36 -3.95
N MET A 233 -5.11 -20.09 -4.94
CA MET A 233 -4.66 -19.47 -6.19
C MET A 233 -5.07 -18.01 -6.09
N LEU A 234 -4.10 -17.11 -6.10
CA LEU A 234 -4.36 -15.68 -6.00
C LEU A 234 -4.42 -15.12 -7.41
N MET A 235 -5.63 -14.78 -7.86
CA MET A 235 -5.81 -14.29 -9.21
C MET A 235 -5.07 -13.00 -9.53
N GLU A 236 -4.57 -12.94 -10.75
CA GLU A 236 -3.84 -11.78 -11.23
C GLU A 236 -4.49 -11.30 -12.52
N ARG A 237 -4.45 -10.00 -12.74
CA ARG A 237 -5.06 -9.41 -13.93
C ARG A 237 -4.02 -8.50 -14.58
N ASP A 238 -3.92 -8.56 -15.90
CA ASP A 238 -2.98 -7.74 -16.66
C ASP A 238 -3.18 -6.27 -16.30
N LEU A 239 -2.09 -5.56 -16.02
CA LEU A 239 -2.18 -4.14 -15.67
C LEU A 239 -1.10 -3.29 -16.33
N ILE A 240 -1.53 -2.31 -17.12
CA ILE A 240 -0.59 -1.42 -17.79
C ILE A 240 -0.98 0.03 -17.55
N ARG A 241 -0.06 0.80 -16.96
CA ARG A 241 -0.33 2.21 -16.71
C ARG A 241 0.95 2.98 -16.95
N GLY A 242 0.86 4.07 -17.71
CA GLY A 242 2.04 4.85 -18.01
C GLY A 242 2.94 4.04 -18.93
N ASN A 243 2.30 3.24 -19.77
CA ASN A 243 2.99 2.39 -20.73
C ASN A 243 4.01 1.45 -20.10
N VAL A 244 3.81 1.15 -18.82
CA VAL A 244 4.71 0.24 -18.12
C VAL A 244 3.88 -0.92 -17.57
N ARG A 245 4.42 -2.12 -17.70
CA ARG A 245 3.72 -3.30 -17.19
C ARG A 245 3.90 -3.32 -15.68
N ILE A 246 2.80 -3.52 -14.95
CA ILE A 246 2.85 -3.57 -13.50
C ILE A 246 2.25 -4.89 -13.01
N ARG A 247 2.97 -5.59 -12.14
CA ARG A 247 2.45 -6.83 -11.61
C ARG A 247 1.17 -6.47 -10.88
N ASN A 248 0.19 -7.37 -10.94
CA ASN A 248 -1.08 -7.06 -10.32
C ASN A 248 -1.80 -8.27 -9.74
N VAL A 249 -1.19 -8.86 -8.72
CA VAL A 249 -1.81 -9.97 -8.01
C VAL A 249 -2.86 -9.23 -7.18
N LEU A 250 -4.13 -9.50 -7.47
CA LEU A 250 -5.24 -8.80 -6.81
C LEU A 250 -5.62 -9.24 -5.41
N PHE A 251 -5.24 -10.47 -5.04
CA PHE A 251 -5.58 -10.98 -3.71
C PHE A 251 -4.38 -11.46 -2.92
N ASP A 252 -4.55 -11.44 -1.60
CA ASP A 252 -3.53 -11.84 -0.63
C ASP A 252 -4.13 -12.75 0.42
N VAL A 253 -3.28 -13.23 1.33
CA VAL A 253 -3.70 -14.11 2.40
C VAL A 253 -3.30 -13.57 3.76
N THR A 254 -4.26 -13.54 4.69
CA THR A 254 -4.01 -13.06 6.03
C THR A 254 -4.14 -14.20 7.03
N PRO A 255 -3.08 -14.46 7.82
CA PRO A 255 -3.11 -15.54 8.81
C PRO A 255 -4.16 -15.25 9.89
N TRP A 256 -4.77 -16.30 10.43
CA TRP A 256 -5.81 -16.12 11.45
C TRP A 256 -5.28 -15.50 12.73
N LYS A 257 -3.99 -15.65 13.00
CA LYS A 257 -3.44 -15.10 14.24
C LYS A 257 -3.54 -13.58 14.31
N TYR A 258 -3.88 -12.94 13.19
CA TYR A 258 -4.05 -11.49 13.19
C TYR A 258 -5.53 -11.11 13.17
N VAL A 259 -6.41 -12.11 13.17
CA VAL A 259 -7.85 -11.87 13.11
C VAL A 259 -8.58 -12.15 14.44
N ARG A 260 -9.31 -11.15 14.94
CA ARG A 260 -10.06 -11.30 16.19
C ARG A 260 -11.15 -12.34 15.97
N GLY A 261 -11.92 -12.14 14.91
CA GLY A 261 -13.01 -13.06 14.61
C GLY A 261 -13.58 -12.85 13.21
N ILE A 262 -14.36 -13.82 12.78
CA ILE A 262 -15.00 -13.76 11.46
C ILE A 262 -16.50 -13.65 11.68
N ILE A 263 -17.07 -12.52 11.24
CA ILE A 263 -18.50 -12.26 11.36
C ILE A 263 -19.25 -13.02 10.28
N THR A 264 -20.06 -13.99 10.69
CA THR A 264 -20.82 -14.79 9.73
C THR A 264 -22.31 -14.64 10.03
N GLU A 265 -23.17 -15.17 9.17
CA GLU A 265 -24.62 -15.08 9.40
C GLU A 265 -25.03 -15.94 10.60
N LEU A 266 -24.12 -16.79 11.06
CA LEU A 266 -24.41 -17.67 12.20
C LEU A 266 -23.81 -17.14 13.50
N GLY A 267 -23.15 -15.98 13.42
CA GLY A 267 -22.52 -15.39 14.60
C GLY A 267 -21.04 -15.16 14.37
N ILE A 268 -20.35 -14.56 15.33
CA ILE A 268 -18.93 -14.32 15.17
C ILE A 268 -18.13 -15.55 15.55
N VAL A 269 -17.36 -16.05 14.59
CA VAL A 269 -16.56 -17.25 14.78
C VAL A 269 -15.08 -16.94 15.00
N ILE A 270 -14.42 -17.74 15.84
CA ILE A 270 -13.00 -17.56 16.15
C ILE A 270 -12.14 -18.56 15.38
N PRO A 271 -11.34 -18.08 14.42
CA PRO A 271 -10.48 -18.99 13.65
C PRO A 271 -9.23 -19.33 14.46
N PRO A 272 -8.64 -20.51 14.22
CA PRO A 272 -9.05 -21.53 13.26
C PRO A 272 -9.93 -22.64 13.85
N ARG A 273 -10.00 -22.74 15.18
CA ARG A 273 -10.76 -23.79 15.83
C ARG A 273 -12.24 -23.92 15.45
N ASP A 274 -12.94 -22.80 15.28
CA ASP A 274 -14.34 -22.86 14.90
C ASP A 274 -14.40 -23.09 13.39
N ILE A 275 -13.22 -23.38 12.83
CA ILE A 275 -12.89 -23.66 11.42
C ILE A 275 -13.09 -22.55 10.41
N LEU B 2 13.40 38.32 0.75
CA LEU B 2 14.51 37.65 0.02
C LEU B 2 14.44 37.93 -1.48
N PRO B 3 15.59 37.79 -2.18
CA PRO B 3 15.68 38.02 -3.63
C PRO B 3 14.65 37.19 -4.39
N GLU B 4 14.35 37.59 -5.62
CA GLU B 4 13.39 36.88 -6.45
C GLU B 4 13.95 35.52 -6.88
N ARG B 5 15.22 35.49 -7.23
CA ARG B 5 15.86 34.25 -7.66
C ARG B 5 15.75 33.19 -6.56
N VAL B 6 15.99 33.60 -5.32
CA VAL B 6 15.92 32.68 -4.18
C VAL B 6 14.48 32.20 -3.98
N LEU B 7 13.53 33.14 -3.95
CA LEU B 7 12.13 32.80 -3.76
C LEU B 7 11.63 31.86 -4.85
N GLU B 8 12.21 31.94 -6.04
CA GLU B 8 11.80 31.07 -7.13
C GLU B 8 12.32 29.67 -6.94
N ILE B 9 13.52 29.54 -6.36
CA ILE B 9 14.09 28.23 -6.12
C ILE B 9 13.28 27.57 -5.01
N LEU B 10 12.84 28.37 -4.05
CA LEU B 10 12.03 27.86 -2.94
C LEU B 10 10.76 27.23 -3.51
N ARG B 11 10.16 27.91 -4.49
CA ARG B 11 8.94 27.41 -5.12
C ARG B 11 9.25 26.12 -5.88
N GLU B 12 10.33 26.14 -6.66
CA GLU B 12 10.72 24.96 -7.44
C GLU B 12 10.88 23.73 -6.55
N MET B 13 11.42 23.93 -5.35
CA MET B 13 11.63 22.82 -4.41
C MET B 13 10.27 22.36 -3.88
N LYS B 14 9.40 23.32 -3.60
CA LYS B 14 8.09 23.06 -3.05
C LYS B 14 7.17 22.23 -3.95
N ARG B 15 7.25 22.42 -5.27
CA ARG B 15 6.39 21.67 -6.17
C ARG B 15 7.03 20.42 -6.78
N GLU B 16 8.18 20.02 -6.24
CA GLU B 16 8.86 18.83 -6.72
C GLU B 16 8.27 17.61 -6.01
N ARG B 17 8.02 16.53 -6.74
CA ARG B 17 7.46 15.33 -6.12
C ARG B 17 8.07 14.00 -6.56
N ILE B 18 8.96 14.04 -7.54
CA ILE B 18 9.61 12.83 -8.01
C ILE B 18 10.96 12.69 -7.31
N LYS B 19 11.89 13.60 -7.62
CA LYS B 19 13.20 13.56 -6.98
C LYS B 19 12.99 13.77 -5.47
N GLY B 20 13.80 13.08 -4.66
CA GLY B 20 13.65 13.18 -3.22
C GLY B 20 14.61 14.07 -2.46
N ALA B 21 14.90 13.68 -1.23
CA ALA B 21 15.79 14.41 -0.34
C ALA B 21 17.01 14.99 -1.05
N SER B 22 17.90 14.12 -1.50
CA SER B 22 19.11 14.54 -2.19
C SER B 22 18.92 15.75 -3.12
N TRP B 23 18.01 15.62 -4.08
CA TRP B 23 17.75 16.71 -5.02
C TRP B 23 17.39 18.01 -4.30
N LEU B 24 16.47 17.93 -3.35
CA LEU B 24 16.05 19.11 -2.60
C LEU B 24 17.23 19.76 -1.91
N ALA B 25 18.10 18.92 -1.34
CA ALA B 25 19.28 19.41 -0.64
C ALA B 25 20.12 20.26 -1.59
N LYS B 26 20.27 19.80 -2.84
CA LYS B 26 21.03 20.52 -3.84
C LYS B 26 20.40 21.88 -4.13
N LYS B 27 19.09 21.89 -4.31
CA LYS B 27 18.37 23.15 -4.59
C LYS B 27 18.51 24.09 -3.41
N GLY B 28 18.50 23.53 -2.20
CA GLY B 28 18.63 24.33 -1.00
C GLY B 28 19.98 25.03 -0.99
N ALA B 29 21.02 24.29 -1.37
CA ALA B 29 22.37 24.84 -1.44
C ALA B 29 22.42 25.92 -2.52
N GLU B 30 21.73 25.66 -3.63
CA GLU B 30 21.66 26.62 -4.73
C GLU B 30 21.02 27.91 -4.25
N ALA B 31 20.09 27.80 -3.32
CA ALA B 31 19.41 28.97 -2.79
C ALA B 31 20.41 29.86 -2.06
N PHE B 32 21.26 29.25 -1.23
CA PHE B 32 22.26 30.01 -0.50
C PHE B 32 23.32 30.59 -1.44
N LEU B 33 23.70 29.83 -2.47
CA LEU B 33 24.69 30.30 -3.43
C LEU B 33 24.13 31.50 -4.19
N THR B 34 22.81 31.49 -4.39
CA THR B 34 22.12 32.57 -5.08
C THR B 34 22.07 33.80 -4.18
N LEU B 35 21.79 33.57 -2.90
CA LEU B 35 21.72 34.65 -1.92
C LEU B 35 23.02 35.44 -1.92
N ALA B 36 24.15 34.74 -2.08
CA ALA B 36 25.47 35.36 -2.07
C ALA B 36 25.76 36.24 -3.29
N GLU B 37 24.93 36.14 -4.33
CA GLU B 37 25.13 36.94 -5.54
C GLU B 37 24.18 38.12 -5.61
N GLU B 38 23.14 38.13 -4.79
CA GLU B 38 22.15 39.20 -4.83
C GLU B 38 22.20 40.23 -3.72
N LEU B 39 22.73 39.86 -2.55
CA LEU B 39 22.76 40.80 -1.44
C LEU B 39 24.12 41.36 -1.06
N ASP B 40 24.09 42.53 -0.43
CA ASP B 40 25.31 43.20 0.04
C ASP B 40 25.69 42.59 1.37
N GLU B 41 26.97 42.66 1.71
CA GLU B 41 27.49 42.12 2.95
C GLU B 41 26.65 42.47 4.18
N SER B 42 26.22 43.72 4.26
CA SER B 42 25.44 44.21 5.41
C SER B 42 24.07 43.59 5.63
N LEU B 43 23.48 43.02 4.58
CA LEU B 43 22.16 42.40 4.72
C LEU B 43 22.23 40.88 4.70
N LEU B 44 23.45 40.36 4.51
CA LEU B 44 23.67 38.92 4.42
C LEU B 44 23.28 38.10 5.64
N GLU B 45 23.69 38.56 6.84
CA GLU B 45 23.39 37.82 8.06
C GLU B 45 21.91 37.55 8.32
N ASP B 46 21.06 38.57 8.21
CA ASP B 46 19.64 38.38 8.45
C ASP B 46 18.99 37.53 7.35
N ALA B 47 19.46 37.71 6.12
CA ALA B 47 18.94 36.95 5.00
C ALA B 47 19.22 35.46 5.18
N ILE B 48 20.39 35.15 5.71
CA ILE B 48 20.77 33.75 5.93
C ILE B 48 19.89 33.15 7.02
N MET B 49 19.54 33.97 8.02
CA MET B 49 18.69 33.52 9.11
C MET B 49 17.31 33.19 8.58
N GLU B 50 16.81 34.03 7.67
CA GLU B 50 15.50 33.84 7.08
C GLU B 50 15.49 32.64 6.13
N LEU B 51 16.54 32.50 5.33
CA LEU B 51 16.61 31.38 4.39
C LEU B 51 16.75 30.07 5.14
N ARG B 52 17.45 30.10 6.27
CA ARG B 52 17.62 28.91 7.10
C ARG B 52 16.24 28.36 7.43
N GLU B 53 15.33 29.25 7.79
CA GLU B 53 13.97 28.89 8.16
C GLU B 53 13.11 28.45 6.98
N GLU B 54 13.16 29.22 5.89
CA GLU B 54 12.38 28.90 4.70
C GLU B 54 12.78 27.56 4.08
N VAL B 55 14.08 27.27 4.09
CA VAL B 55 14.59 26.02 3.51
C VAL B 55 14.05 24.81 4.28
N VAL B 56 14.03 24.92 5.60
CA VAL B 56 13.54 23.84 6.44
C VAL B 56 12.02 23.69 6.29
N LYS B 57 11.32 24.80 6.06
CA LYS B 57 9.87 24.77 5.89
C LYS B 57 9.44 24.05 4.61
N VAL B 58 10.33 23.98 3.64
CA VAL B 58 10.02 23.30 2.38
C VAL B 58 9.49 21.89 2.68
N ASN B 59 10.16 21.18 3.58
CA ASN B 59 9.76 19.85 3.95
C ASN B 59 10.37 19.49 5.31
N PRO B 60 9.64 19.75 6.40
CA PRO B 60 10.12 19.46 7.76
C PRO B 60 10.39 17.97 8.00
N SER B 61 10.08 17.13 7.01
CA SER B 61 10.31 15.69 7.13
C SER B 61 11.71 15.29 6.64
N MET B 62 12.42 16.22 6.01
CA MET B 62 13.75 15.92 5.49
C MET B 62 14.85 16.57 6.32
N ALA B 63 15.62 15.72 7.00
CA ALA B 63 16.70 16.18 7.86
C ALA B 63 17.82 16.84 7.08
N SER B 64 17.94 16.52 5.79
CA SER B 64 19.00 17.09 4.97
C SER B 64 18.86 18.61 4.91
N LEU B 65 17.62 19.09 4.85
CA LEU B 65 17.38 20.53 4.79
C LEU B 65 17.78 21.19 6.11
N TYR B 66 17.44 20.56 7.23
CA TYR B 66 17.80 21.09 8.54
C TYR B 66 19.32 21.11 8.72
N ASN B 67 19.99 20.04 8.33
CA ASN B 67 21.44 19.99 8.47
C ASN B 67 22.13 20.97 7.51
N LEU B 68 21.51 21.20 6.35
CA LEU B 68 22.07 22.15 5.40
C LEU B 68 22.05 23.53 6.05
N ALA B 69 20.91 23.85 6.67
CA ALA B 69 20.71 25.13 7.34
C ALA B 69 21.72 25.41 8.45
N ARG B 70 22.05 24.39 9.25
CA ARG B 70 23.01 24.57 10.34
C ARG B 70 24.44 24.60 9.81
N PHE B 71 24.65 24.06 8.62
CA PHE B 71 25.97 24.05 8.02
C PHE B 71 26.36 25.43 7.51
N ILE B 72 25.39 26.16 6.98
CA ILE B 72 25.63 27.50 6.48
C ILE B 72 25.72 28.46 7.65
N PRO B 73 26.89 29.09 7.84
CA PRO B 73 27.08 30.03 8.95
C PRO B 73 26.39 31.37 8.76
N VAL B 74 26.00 31.98 9.87
CA VAL B 74 25.37 33.28 9.83
C VAL B 74 26.57 34.24 9.81
N THR B 75 26.94 34.67 8.61
CA THR B 75 28.09 35.55 8.43
C THR B 75 27.78 36.65 7.44
N ASN B 76 28.65 37.67 7.40
CA ASN B 76 28.47 38.78 6.47
C ASN B 76 29.49 38.63 5.35
N ARG B 77 30.21 37.52 5.35
CA ARG B 77 31.23 37.24 4.34
C ARG B 77 30.72 36.45 3.13
N ARG B 78 30.56 37.14 2.02
CA ARG B 78 30.08 36.54 0.78
C ARG B 78 30.86 35.28 0.45
N ASP B 79 32.18 35.40 0.42
CA ASP B 79 33.05 34.28 0.10
C ASP B 79 32.90 33.10 1.06
N ILE B 80 32.53 33.36 2.31
CA ILE B 80 32.36 32.26 3.26
C ILE B 80 31.04 31.54 2.95
N LEU B 81 29.96 32.32 2.81
CA LEU B 81 28.65 31.77 2.49
C LEU B 81 28.76 30.85 1.28
N LYS B 82 29.34 31.37 0.20
CA LYS B 82 29.51 30.60 -1.03
C LYS B 82 30.33 29.34 -0.79
N SER B 83 31.47 29.51 -0.15
CA SER B 83 32.37 28.39 0.11
C SER B 83 31.71 27.26 0.90
N ARG B 84 30.93 27.63 1.92
CA ARG B 84 30.27 26.61 2.73
C ARG B 84 29.19 25.88 1.94
N ALA B 85 28.41 26.60 1.13
CA ALA B 85 27.37 25.97 0.34
C ALA B 85 27.98 24.96 -0.63
N LEU B 86 29.07 25.35 -1.28
CA LEU B 86 29.73 24.46 -2.23
C LEU B 86 30.34 23.25 -1.54
N GLU B 87 30.77 23.43 -0.29
CA GLU B 87 31.37 22.33 0.45
C GLU B 87 30.29 21.32 0.83
N PHE B 88 29.10 21.81 1.17
CA PHE B 88 28.00 20.93 1.53
C PHE B 88 27.72 20.05 0.30
N LEU B 89 27.64 20.68 -0.86
CA LEU B 89 27.39 19.95 -2.09
C LEU B 89 28.49 18.91 -2.36
N ARG B 90 29.74 19.30 -2.12
CA ARG B 90 30.84 18.37 -2.33
C ARG B 90 30.73 17.19 -1.36
N ARG B 91 30.33 17.47 -0.13
CA ARG B 91 30.18 16.41 0.86
C ARG B 91 29.04 15.46 0.51
N MET B 92 27.92 15.99 0.02
CA MET B 92 26.79 15.15 -0.35
C MET B 92 27.22 14.15 -1.42
N GLU B 93 27.84 14.66 -2.46
CA GLU B 93 28.30 13.82 -3.57
C GLU B 93 29.26 12.74 -3.10
N GLU B 94 30.22 13.13 -2.24
CA GLU B 94 31.19 12.18 -1.72
C GLU B 94 30.50 11.15 -0.85
N ALA B 95 29.56 11.62 -0.04
CA ALA B 95 28.82 10.73 0.87
C ALA B 95 28.04 9.69 0.06
N LYS B 96 27.30 10.14 -0.94
CA LYS B 96 26.51 9.23 -1.77
C LYS B 96 27.38 8.17 -2.43
N ARG B 97 28.52 8.59 -2.99
CA ARG B 97 29.43 7.65 -3.65
C ARG B 97 29.97 6.59 -2.69
N GLU B 98 30.41 7.03 -1.52
CA GLU B 98 30.96 6.10 -0.54
C GLU B 98 29.88 5.17 0.03
N LEU B 99 28.69 5.71 0.25
CA LEU B 99 27.61 4.90 0.79
C LEU B 99 27.23 3.84 -0.26
N ALA B 100 27.19 4.25 -1.53
CA ALA B 100 26.86 3.34 -2.61
C ALA B 100 27.81 2.16 -2.66
N SER B 101 29.10 2.43 -2.51
CA SER B 101 30.11 1.38 -2.53
C SER B 101 29.90 0.37 -1.40
N ILE B 102 29.53 0.88 -0.23
CA ILE B 102 29.29 0.02 0.93
C ILE B 102 27.99 -0.77 0.76
N GLY B 103 26.96 -0.10 0.24
CA GLY B 103 25.69 -0.77 0.02
C GLY B 103 25.79 -1.87 -1.02
N ALA B 104 26.50 -1.59 -2.11
CA ALA B 104 26.68 -2.56 -3.18
C ALA B 104 27.38 -3.81 -2.67
N GLN B 105 28.33 -3.60 -1.75
CA GLN B 105 29.10 -4.67 -1.15
C GLN B 105 28.15 -5.63 -0.41
N LEU B 106 27.13 -5.05 0.20
CA LEU B 106 26.13 -5.80 0.96
C LEU B 106 25.35 -6.77 0.05
N ILE B 107 25.00 -6.29 -1.14
CA ILE B 107 24.25 -7.09 -2.11
C ILE B 107 25.00 -8.36 -2.49
N ASP B 108 24.26 -9.44 -2.75
CA ASP B 108 24.85 -10.72 -3.13
C ASP B 108 24.24 -11.26 -4.42
N ASP B 109 24.97 -12.16 -5.08
CA ASP B 109 24.52 -12.79 -6.31
C ASP B 109 23.25 -13.57 -6.06
N GLY B 110 22.41 -13.19 -6.86
CA GLY B 110 21.20 -13.99 -6.73
C GLY B 110 20.12 -13.30 -5.90
N ASP B 111 20.43 -12.12 -5.36
CA ASP B 111 19.47 -11.37 -4.56
C ASP B 111 18.26 -10.90 -5.36
N VAL B 112 17.15 -10.74 -4.65
CA VAL B 112 15.93 -10.20 -5.22
C VAL B 112 15.67 -9.05 -4.25
N ILE B 113 16.03 -7.88 -4.65
CA ILE B 113 15.90 -6.68 -3.84
C ILE B 113 14.54 -6.00 -3.98
N ILE B 114 13.87 -5.75 -2.86
CA ILE B 114 12.59 -5.07 -2.90
C ILE B 114 12.79 -3.71 -2.28
N THR B 115 12.15 -2.70 -2.88
CA THR B 115 12.28 -1.34 -2.38
C THR B 115 10.94 -0.62 -2.56
N HIS B 116 10.87 0.60 -2.03
CA HIS B 116 9.65 1.39 -2.10
C HIS B 116 10.01 2.85 -2.38
N SER B 117 9.17 3.53 -3.15
CA SER B 117 9.38 4.93 -3.52
C SER B 117 10.68 5.13 -4.31
N PHE B 118 11.15 6.37 -4.39
CA PHE B 118 12.37 6.68 -5.13
C PHE B 118 13.43 7.32 -4.24
N SER B 119 14.64 6.80 -4.32
CA SER B 119 15.78 7.30 -3.55
C SER B 119 17.01 7.23 -4.45
N SER B 120 17.59 8.39 -4.77
CA SER B 120 18.77 8.41 -5.63
C SER B 120 19.90 7.61 -4.99
N THR B 121 19.91 7.54 -3.66
CA THR B 121 20.95 6.80 -2.95
C THR B 121 20.77 5.30 -3.17
N VAL B 122 19.54 4.82 -3.01
CA VAL B 122 19.29 3.40 -3.22
C VAL B 122 19.59 3.05 -4.67
N LEU B 123 19.25 3.96 -5.57
CA LEU B 123 19.49 3.76 -7.00
C LEU B 123 21.00 3.61 -7.29
N GLU B 124 21.83 4.45 -6.67
CA GLU B 124 23.26 4.35 -6.90
C GLU B 124 23.84 3.09 -6.27
N ILE B 125 23.21 2.61 -5.20
CA ILE B 125 23.67 1.38 -4.56
C ILE B 125 23.44 0.26 -5.56
N ILE B 126 22.25 0.24 -6.13
CA ILE B 126 21.88 -0.79 -7.10
C ILE B 126 22.76 -0.75 -8.35
N ARG B 127 23.02 0.43 -8.87
CA ARG B 127 23.84 0.59 -10.06
C ARG B 127 25.29 0.16 -9.82
N THR B 128 25.83 0.51 -8.66
CA THR B 128 27.19 0.14 -8.33
C THR B 128 27.33 -1.37 -8.22
N ALA B 129 26.30 -2.01 -7.67
CA ALA B 129 26.32 -3.47 -7.52
C ALA B 129 26.32 -4.13 -8.89
N LYS B 130 25.53 -3.59 -9.81
CA LYS B 130 25.45 -4.14 -11.15
C LYS B 130 26.77 -3.92 -11.88
N GLU B 131 27.38 -2.76 -11.67
CA GLU B 131 28.65 -2.43 -12.30
C GLU B 131 29.75 -3.36 -11.82
N ARG B 132 29.55 -4.00 -10.67
CA ARG B 132 30.55 -4.91 -10.13
C ARG B 132 30.21 -6.36 -10.47
N LYS B 133 29.33 -6.51 -11.46
CA LYS B 133 28.93 -7.82 -11.96
C LYS B 133 28.08 -8.70 -11.05
N LYS B 134 27.39 -8.12 -10.08
CA LYS B 134 26.53 -8.91 -9.21
C LYS B 134 25.21 -9.11 -9.94
N ARG B 135 24.68 -10.35 -9.92
CA ARG B 135 23.42 -10.62 -10.58
C ARG B 135 22.27 -10.57 -9.58
N PHE B 136 21.24 -9.80 -9.91
CA PHE B 136 20.09 -9.67 -9.04
C PHE B 136 18.90 -9.08 -9.79
N LYS B 137 17.75 -9.09 -9.14
CA LYS B 137 16.52 -8.55 -9.71
C LYS B 137 15.94 -7.60 -8.67
N VAL B 138 15.16 -6.63 -9.14
CA VAL B 138 14.56 -5.67 -8.23
C VAL B 138 13.04 -5.64 -8.31
N ILE B 139 12.41 -5.55 -7.15
CA ILE B 139 10.96 -5.46 -7.06
C ILE B 139 10.75 -4.08 -6.46
N LEU B 140 9.97 -3.25 -7.13
CA LEU B 140 9.72 -1.91 -6.64
C LEU B 140 8.26 -1.51 -6.78
N THR B 141 7.81 -0.58 -5.95
CA THR B 141 6.43 -0.13 -5.98
C THR B 141 6.27 1.11 -6.84
N GLU B 142 5.09 1.28 -7.42
CA GLU B 142 4.82 2.45 -8.25
C GLU B 142 4.81 3.69 -7.36
N SER B 143 4.42 3.49 -6.09
CA SER B 143 4.39 4.55 -5.07
C SER B 143 3.33 5.64 -5.23
N SER B 144 2.10 5.33 -4.83
CA SER B 144 1.01 6.32 -4.92
C SER B 144 1.31 7.48 -3.99
N PRO B 145 0.79 8.68 -4.30
CA PRO B 145 -0.05 8.99 -5.47
C PRO B 145 0.69 9.62 -6.66
N ASP B 146 1.95 9.99 -6.46
CA ASP B 146 2.73 10.63 -7.53
C ASP B 146 3.52 9.66 -8.40
N TYR B 147 3.56 8.40 -8.00
CA TYR B 147 4.25 7.37 -8.76
C TYR B 147 5.73 7.64 -9.04
N GLU B 148 6.46 8.10 -8.04
CA GLU B 148 7.88 8.35 -8.20
C GLU B 148 8.58 7.00 -8.44
N GLY B 149 7.88 5.92 -8.10
CA GLY B 149 8.44 4.59 -8.28
C GLY B 149 8.68 4.29 -9.74
N LEU B 150 7.85 4.86 -10.62
CA LEU B 150 8.00 4.62 -12.04
C LEU B 150 9.26 5.34 -12.52
N HIS B 151 9.63 6.42 -11.83
CA HIS B 151 10.85 7.11 -12.20
C HIS B 151 12.03 6.17 -11.93
N LEU B 152 11.95 5.43 -10.82
CA LEU B 152 13.00 4.47 -10.48
C LEU B 152 13.08 3.40 -11.58
N ALA B 153 11.92 2.93 -12.01
CA ALA B 153 11.86 1.91 -13.07
C ALA B 153 12.50 2.40 -14.37
N ARG B 154 12.26 3.66 -14.73
CA ARG B 154 12.85 4.24 -15.94
C ARG B 154 14.37 4.23 -15.83
N GLU B 155 14.87 4.56 -14.64
CA GLU B 155 16.31 4.61 -14.41
C GLU B 155 16.95 3.23 -14.42
N LEU B 156 16.27 2.24 -13.86
CA LEU B 156 16.78 0.88 -13.81
C LEU B 156 16.81 0.30 -15.21
N GLU B 157 15.84 0.70 -16.02
CA GLU B 157 15.77 0.24 -17.40
C GLU B 157 16.95 0.85 -18.17
N PHE B 158 17.24 2.12 -17.91
CA PHE B 158 18.34 2.80 -18.56
C PHE B 158 19.64 2.04 -18.27
N SER B 159 19.78 1.56 -17.04
CA SER B 159 20.99 0.86 -16.63
C SER B 159 21.02 -0.63 -16.97
N GLY B 160 19.95 -1.16 -17.55
CA GLY B 160 19.92 -2.56 -17.91
C GLY B 160 19.73 -3.50 -16.74
N ILE B 161 19.09 -3.00 -15.68
CA ILE B 161 18.86 -3.80 -14.49
C ILE B 161 17.47 -4.42 -14.55
N GLU B 162 17.39 -5.71 -14.25
CA GLU B 162 16.11 -6.41 -14.28
C GLU B 162 15.22 -5.96 -13.11
N PHE B 163 13.96 -5.66 -13.41
CA PHE B 163 13.05 -5.21 -12.36
C PHE B 163 11.61 -5.59 -12.64
N GLU B 164 10.81 -5.55 -11.58
CA GLU B 164 9.39 -5.88 -11.64
C GLU B 164 8.69 -4.78 -10.82
N VAL B 165 7.60 -4.24 -11.35
CA VAL B 165 6.88 -3.19 -10.63
C VAL B 165 5.57 -3.72 -10.03
N ILE B 166 5.24 -3.27 -8.82
CA ILE B 166 4.02 -3.69 -8.16
C ILE B 166 3.31 -2.47 -7.58
N THR B 167 2.09 -2.66 -7.10
CA THR B 167 1.34 -1.56 -6.48
C THR B 167 1.77 -1.58 -5.02
N ASP B 168 1.55 -0.49 -4.29
CA ASP B 168 1.95 -0.44 -2.89
C ASP B 168 1.29 -1.54 -2.04
N ALA B 169 0.01 -1.80 -2.28
CA ALA B 169 -0.72 -2.80 -1.52
C ALA B 169 -0.22 -4.24 -1.72
N GLN B 170 0.67 -4.45 -2.68
CA GLN B 170 1.19 -5.80 -2.93
C GLN B 170 2.53 -6.07 -2.22
N MET B 171 3.04 -5.10 -1.48
CA MET B 171 4.31 -5.25 -0.77
C MET B 171 4.39 -6.49 0.11
N GLY B 172 3.27 -6.84 0.74
CA GLY B 172 3.24 -8.03 1.59
C GLY B 172 3.35 -9.32 0.80
N LEU B 173 2.76 -9.35 -0.39
CA LEU B 173 2.82 -10.54 -1.23
C LEU B 173 4.23 -10.75 -1.77
N PHE B 174 4.94 -9.65 -2.00
CA PHE B 174 6.28 -9.78 -2.53
C PHE B 174 7.50 -9.79 -1.58
N CYS B 175 7.38 -9.36 -0.31
CA CYS B 175 8.57 -9.42 0.57
C CYS B 175 8.94 -10.89 0.48
N ARG B 176 7.91 -11.75 0.47
CA ARG B 176 8.06 -13.19 0.38
C ARG B 176 9.07 -13.66 -0.68
N GLU B 177 9.03 -13.04 -1.85
CA GLU B 177 9.93 -13.40 -2.94
C GLU B 177 11.31 -12.75 -2.79
N ALA B 178 11.35 -11.62 -2.09
CA ALA B 178 12.61 -10.90 -1.90
C ALA B 178 13.55 -11.63 -0.96
N SER B 179 14.84 -11.32 -1.08
CA SER B 179 15.85 -11.91 -0.22
C SER B 179 16.43 -10.81 0.66
N ILE B 180 16.13 -9.56 0.29
CA ILE B 180 16.61 -8.41 1.04
C ILE B 180 15.86 -7.16 0.61
N ALA B 181 15.66 -6.25 1.56
CA ALA B 181 14.95 -5.01 1.30
C ALA B 181 15.91 -3.84 1.55
N ILE B 182 15.87 -2.85 0.67
CA ILE B 182 16.70 -1.67 0.78
C ILE B 182 15.89 -0.45 0.42
N VAL B 183 15.66 0.43 1.39
CA VAL B 183 14.92 1.66 1.15
C VAL B 183 15.77 2.85 1.58
N GLY B 184 15.37 4.03 1.14
CA GLY B 184 16.09 5.23 1.51
C GLY B 184 15.52 5.80 2.79
N ALA B 185 15.74 7.08 3.03
CA ALA B 185 15.24 7.75 4.22
C ALA B 185 15.29 9.26 4.05
N ASP B 186 14.28 9.93 4.58
CA ASP B 186 14.22 11.38 4.54
C ASP B 186 14.78 11.90 5.85
N MET B 187 14.78 11.06 6.86
CA MET B 187 15.30 11.43 8.18
C MET B 187 15.48 10.24 9.11
N ILE B 188 16.55 10.28 9.89
CA ILE B 188 16.81 9.26 10.90
C ILE B 188 16.68 10.09 12.17
N THR B 189 15.63 9.84 12.94
CA THR B 189 15.40 10.61 14.16
C THR B 189 16.51 10.38 15.18
N LYS B 190 16.49 11.20 16.23
CA LYS B 190 17.48 11.11 17.29
C LYS B 190 17.42 9.75 17.99
N ASP B 191 16.22 9.19 18.13
CA ASP B 191 16.08 7.90 18.78
C ASP B 191 16.18 6.68 17.86
N GLY B 192 16.64 6.91 16.63
CA GLY B 192 16.83 5.80 15.70
C GLY B 192 15.68 5.34 14.82
N TYR B 193 14.61 6.10 14.76
CA TYR B 193 13.48 5.74 13.91
C TYR B 193 13.73 6.30 12.52
N VAL B 194 13.12 5.67 11.52
CA VAL B 194 13.30 6.09 10.14
C VAL B 194 12.06 6.73 9.54
N VAL B 195 12.22 7.95 9.06
CA VAL B 195 11.13 8.68 8.43
C VAL B 195 11.33 8.50 6.92
N ASN B 196 10.31 8.00 6.24
CA ASN B 196 10.41 7.78 4.81
C ASN B 196 9.02 7.79 4.19
N LYS B 197 8.97 7.68 2.87
CA LYS B 197 7.72 7.67 2.14
C LYS B 197 6.68 6.76 2.84
N ALA B 198 5.45 7.26 2.93
CA ALA B 198 4.36 6.51 3.55
C ALA B 198 4.29 5.12 2.94
N GLY B 199 4.21 4.10 3.79
CA GLY B 199 4.16 2.74 3.30
C GLY B 199 5.40 1.93 3.65
N THR B 200 6.50 2.62 3.92
CA THR B 200 7.77 1.97 4.27
C THR B 200 7.58 1.12 5.52
N TYR B 201 6.80 1.65 6.46
CA TYR B 201 6.50 0.95 7.71
C TYR B 201 5.86 -0.41 7.41
N LEU B 202 4.89 -0.41 6.50
CA LEU B 202 4.21 -1.66 6.14
C LEU B 202 5.19 -2.63 5.51
N LEU B 203 6.10 -2.12 4.69
CA LEU B 203 7.09 -2.97 4.04
C LEU B 203 7.93 -3.58 5.16
N ALA B 204 8.31 -2.74 6.12
CA ALA B 204 9.13 -3.18 7.24
C ALA B 204 8.44 -4.28 8.04
N LEU B 205 7.15 -4.12 8.28
CA LEU B 205 6.41 -5.12 9.05
C LEU B 205 6.34 -6.45 8.31
N ALA B 206 6.03 -6.41 7.02
CA ALA B 206 5.92 -7.63 6.23
C ALA B 206 7.24 -8.38 6.09
N CYS B 207 8.30 -7.64 5.88
CA CYS B 207 9.61 -8.26 5.72
C CYS B 207 10.08 -8.89 7.05
N HIS B 208 9.73 -8.28 8.18
CA HIS B 208 10.11 -8.84 9.48
C HIS B 208 9.36 -10.15 9.70
N GLU B 209 8.10 -10.17 9.32
CA GLU B 209 7.26 -11.35 9.48
C GLU B 209 7.77 -12.51 8.64
N ASN B 210 8.33 -12.18 7.47
CA ASN B 210 8.85 -13.20 6.55
C ASN B 210 10.37 -13.38 6.63
N ALA B 211 10.99 -12.84 7.68
CA ALA B 211 12.43 -12.96 7.88
C ALA B 211 13.24 -12.49 6.67
N ILE B 212 13.01 -11.26 6.26
CA ILE B 212 13.72 -10.66 5.15
C ILE B 212 14.48 -9.45 5.71
N PRO B 213 15.82 -9.50 5.68
CA PRO B 213 16.60 -8.37 6.20
C PRO B 213 16.22 -7.05 5.57
N PHE B 214 15.92 -6.09 6.43
CA PHE B 214 15.48 -4.75 6.01
C PHE B 214 16.56 -3.70 6.28
N TYR B 215 17.14 -3.15 5.22
CA TYR B 215 18.18 -2.13 5.37
C TYR B 215 17.73 -0.76 4.90
N VAL B 216 18.21 0.26 5.59
CA VAL B 216 17.90 1.65 5.26
C VAL B 216 19.18 2.35 4.83
N ALA B 217 19.12 3.04 3.70
CA ALA B 217 20.29 3.77 3.20
C ALA B 217 20.12 5.24 3.52
N ALA B 218 20.99 5.77 4.35
CA ALA B 218 20.90 7.18 4.73
C ALA B 218 22.26 7.80 5.01
N GLU B 219 22.61 8.83 4.23
CA GLU B 219 23.88 9.50 4.47
C GLU B 219 23.77 10.20 5.81
N THR B 220 24.91 10.45 6.44
CA THR B 220 24.97 11.11 7.73
C THR B 220 24.24 12.45 7.80
N TYR B 221 24.18 13.19 6.70
CA TYR B 221 23.49 14.48 6.73
C TYR B 221 21.97 14.31 6.76
N LYS B 222 21.52 13.05 6.84
CA LYS B 222 20.09 12.77 6.91
C LYS B 222 19.69 12.40 8.34
N PHE B 223 20.69 12.37 9.22
CA PHE B 223 20.46 12.06 10.63
C PHE B 223 20.12 13.38 11.32
N HIS B 224 18.97 13.46 11.99
CA HIS B 224 18.60 14.68 12.69
C HIS B 224 19.17 14.53 14.10
N PRO B 225 19.89 15.56 14.58
CA PRO B 225 20.50 15.52 15.91
C PRO B 225 19.64 15.72 17.14
N THR B 226 18.45 16.27 17.00
CA THR B 226 17.61 16.52 18.17
C THR B 226 16.17 16.04 18.12
N LEU B 227 15.62 15.89 16.92
CA LEU B 227 14.23 15.49 16.77
C LEU B 227 13.97 14.01 17.05
N LYS B 228 13.05 13.74 17.98
CA LYS B 228 12.67 12.36 18.34
C LYS B 228 11.47 11.93 17.50
N SER B 229 11.30 10.62 17.33
CA SER B 229 10.21 10.07 16.54
C SER B 229 8.83 10.67 16.87
N GLY B 230 8.52 10.73 18.16
CA GLY B 230 7.22 11.27 18.56
C GLY B 230 6.94 12.72 18.22
N ASP B 231 7.98 13.47 17.84
CA ASP B 231 7.78 14.88 17.53
C ASP B 231 7.92 15.21 16.04
N VAL B 232 8.14 14.20 15.22
CA VAL B 232 8.29 14.40 13.79
C VAL B 232 7.04 14.95 13.11
N MET B 233 7.25 15.85 12.15
CA MET B 233 6.17 16.46 11.38
C MET B 233 6.11 15.73 10.03
N LEU B 234 4.98 15.11 9.73
CA LEU B 234 4.82 14.40 8.46
C LEU B 234 4.06 15.28 7.48
N MET B 235 4.77 15.76 6.46
CA MET B 235 4.20 16.64 5.44
C MET B 235 3.05 16.02 4.65
N GLU B 236 2.09 16.85 4.26
CA GLU B 236 0.93 16.40 3.51
C GLU B 236 0.62 17.35 2.34
N ARG B 237 0.09 16.80 1.25
CA ARG B 237 -0.28 17.57 0.07
C ARG B 237 -1.74 17.26 -0.25
N ASP B 238 -2.43 18.17 -0.91
CA ASP B 238 -3.81 17.95 -1.29
C ASP B 238 -3.88 16.91 -2.41
N LEU B 239 -4.91 16.07 -2.37
CA LEU B 239 -5.08 15.03 -3.38
C LEU B 239 -6.56 14.78 -3.68
N ILE B 240 -6.87 14.59 -4.95
CA ILE B 240 -8.23 14.33 -5.40
C ILE B 240 -8.22 13.36 -6.59
N ARG B 241 -9.03 12.31 -6.48
CA ARG B 241 -9.15 11.30 -7.54
C ARG B 241 -10.64 11.07 -7.70
N GLY B 242 -11.13 11.18 -8.92
CA GLY B 242 -12.56 11.03 -9.13
C GLY B 242 -13.11 12.34 -8.59
N ASN B 243 -14.15 12.29 -7.79
CA ASN B 243 -14.70 13.50 -7.20
C ASN B 243 -14.46 13.42 -5.70
N VAL B 244 -13.53 12.55 -5.32
CA VAL B 244 -13.22 12.29 -3.93
C VAL B 244 -11.92 12.88 -3.39
N ARG B 245 -12.02 13.55 -2.25
CA ARG B 245 -10.84 14.13 -1.61
C ARG B 245 -10.14 13.00 -0.87
N ILE B 246 -8.83 12.91 -1.03
CA ILE B 246 -8.07 11.85 -0.40
C ILE B 246 -7.00 12.38 0.54
N ARG B 247 -7.02 11.91 1.78
CA ARG B 247 -6.01 12.31 2.75
C ARG B 247 -4.68 11.83 2.14
N ASN B 248 -3.65 12.67 2.20
CA ASN B 248 -2.37 12.30 1.61
C ASN B 248 -1.15 12.67 2.45
N VAL B 249 -0.93 11.92 3.52
CA VAL B 249 0.22 12.13 4.39
C VAL B 249 1.35 11.42 3.66
N LEU B 250 2.32 12.20 3.18
CA LEU B 250 3.42 11.66 2.39
C LEU B 250 4.50 10.86 3.10
N PHE B 251 4.68 11.08 4.40
CA PHE B 251 5.72 10.35 5.10
C PHE B 251 5.27 9.60 6.33
N ASP B 252 6.01 8.54 6.64
CA ASP B 252 5.71 7.70 7.78
C ASP B 252 6.93 7.49 8.65
N VAL B 253 6.74 6.71 9.70
CA VAL B 253 7.79 6.40 10.65
C VAL B 253 7.95 4.90 10.89
N THR B 254 9.18 4.40 10.74
CA THR B 254 9.46 2.99 10.98
C THR B 254 10.35 2.81 12.21
N PRO B 255 9.87 2.05 13.20
CA PRO B 255 10.66 1.80 14.43
C PRO B 255 11.96 1.11 14.05
N TRP B 256 13.00 1.31 14.86
CA TRP B 256 14.28 0.68 14.56
C TRP B 256 14.26 -0.84 14.68
N LYS B 257 13.37 -1.39 15.51
CA LYS B 257 13.35 -2.85 15.69
C LYS B 257 13.03 -3.65 14.43
N TYR B 258 12.68 -2.97 13.35
CA TYR B 258 12.40 -3.65 12.08
C TYR B 258 13.51 -3.36 11.08
N VAL B 259 14.55 -2.66 11.54
CA VAL B 259 15.69 -2.29 10.69
C VAL B 259 16.96 -3.06 11.05
N ARG B 260 17.52 -3.79 10.09
CA ARG B 260 18.75 -4.54 10.29
C ARG B 260 19.89 -3.55 10.54
N GLY B 261 20.00 -2.56 9.65
CA GLY B 261 21.04 -1.57 9.78
C GLY B 261 20.80 -0.38 8.88
N ILE B 262 21.51 0.71 9.14
CA ILE B 262 21.42 1.92 8.33
C ILE B 262 22.75 2.07 7.61
N ILE B 263 22.70 2.05 6.29
CA ILE B 263 23.90 2.16 5.46
C ILE B 263 24.30 3.61 5.32
N THR B 264 25.44 3.97 5.91
CA THR B 264 25.92 5.34 5.82
C THR B 264 27.25 5.36 5.08
N GLU B 265 27.74 6.56 4.77
CA GLU B 265 29.00 6.70 4.06
C GLU B 265 30.16 6.32 4.97
N LEU B 266 29.87 6.18 6.27
CA LEU B 266 30.88 5.81 7.26
C LEU B 266 30.78 4.33 7.62
N GLY B 267 29.85 3.63 6.98
CA GLY B 267 29.67 2.22 7.27
C GLY B 267 28.24 1.94 7.71
N ILE B 268 27.92 0.66 7.91
CA ILE B 268 26.58 0.28 8.33
C ILE B 268 26.44 0.38 9.84
N VAL B 269 25.55 1.28 10.27
CA VAL B 269 25.29 1.51 11.68
C VAL B 269 24.05 0.71 12.16
N ILE B 270 24.08 0.31 13.44
CA ILE B 270 22.97 -0.45 14.03
C ILE B 270 22.13 0.43 14.94
N PRO B 271 20.88 0.73 14.55
CA PRO B 271 20.06 1.57 15.43
C PRO B 271 19.55 0.73 16.60
N PRO B 272 19.26 1.37 17.75
CA PRO B 272 19.39 2.81 17.98
C PRO B 272 20.71 3.14 18.69
N ARG B 273 21.40 2.11 19.17
CA ARG B 273 22.64 2.29 19.91
C ARG B 273 23.76 3.08 19.22
N ASP B 274 23.99 2.82 17.94
CA ASP B 274 25.05 3.55 17.23
C ASP B 274 24.63 4.94 16.79
N ILE B 275 23.34 5.24 16.96
CA ILE B 275 22.81 6.55 16.58
C ILE B 275 22.92 7.45 17.80
N GLN B 276 24.03 8.16 17.91
CA GLN B 276 24.23 9.02 19.07
C GLN B 276 24.65 10.40 18.63
#